data_2PN0
#
_entry.id   2PN0
#
_cell.length_a   76.628
_cell.length_b   80.838
_cell.length_c   171.387
_cell.angle_alpha   90.00
_cell.angle_beta   90.00
_cell.angle_gamma   90.00
#
_symmetry.space_group_name_H-M   'C 2 2 21'
#
loop_
_entity.id
_entity.type
_entity.pdbx_description
1 polymer 'Prokaryotic transcription elongation factor GreA/GreB'
2 water water
#
_entity_poly.entity_id   1
_entity_poly.type   'polypeptide(L)'
_entity_poly.pdbx_seq_one_letter_code
;GH(MSE)SIKPKI(MSE)ISSLDAERLEILLETLSQNAFPGRDDLEAELARAEVVDPEEIPPTVVT(MSE)NSTVRFRVE
SSAEEF(OCS)LTLVYPKDVDTSGEKISILAPVGSALLGLAQGDEIEWPKPGGGVLRVRIVEVTYQPERSGEYYRGS
;
_entity_poly.pdbx_strand_id   A,B,C,D
#
# COMPACT_ATOMS: atom_id res chain seq x y z
N LYS A 6 -26.04 9.76 18.02
CA LYS A 6 -26.50 11.09 18.49
C LYS A 6 -25.34 12.07 18.75
N PRO A 7 -24.49 11.82 19.78
CA PRO A 7 -23.43 12.80 20.01
C PRO A 7 -22.31 12.67 18.99
N LYS A 8 -22.02 13.77 18.31
CA LYS A 8 -20.93 13.84 17.34
C LYS A 8 -19.61 13.72 18.09
N ILE A 9 -18.66 12.99 17.52
CA ILE A 9 -17.30 13.01 18.05
C ILE A 9 -16.66 14.31 17.58
N ILE A 11 -13.07 15.99 16.12
CA ILE A 11 -11.79 15.76 15.41
CA ILE A 11 -11.74 15.77 15.54
C ILE A 11 -11.17 17.09 15.05
N SER A 12 -9.85 17.12 14.89
CA SER A 12 -9.20 18.30 14.35
C SER A 12 -9.42 18.30 12.84
N SER A 13 -9.27 19.49 12.26
CA SER A 13 -9.39 19.67 10.82
CA SER A 13 -9.37 19.69 10.82
C SER A 13 -8.38 18.79 10.08
N LEU A 14 -7.15 18.76 10.60
CA LEU A 14 -6.05 17.97 10.06
C LEU A 14 -6.41 16.50 10.02
N ASP A 15 -6.88 15.97 11.14
CA ASP A 15 -7.26 14.56 11.16
C ASP A 15 -8.45 14.21 10.29
N ALA A 16 -9.47 15.08 10.23
CA ALA A 16 -10.62 14.88 9.32
C ALA A 16 -10.15 14.75 7.90
N GLU A 17 -9.26 15.66 7.52
CA GLU A 17 -8.75 15.71 6.16
C GLU A 17 -7.93 14.47 5.81
N ARG A 18 -6.96 14.15 6.67
CA ARG A 18 -6.09 12.97 6.47
CA ARG A 18 -6.09 12.98 6.46
C ARG A 18 -6.90 11.70 6.41
N LEU A 19 -7.83 11.52 7.37
CA LEU A 19 -8.68 10.32 7.32
C LEU A 19 -9.52 10.22 6.04
N GLU A 20 -10.05 11.37 5.56
CA GLU A 20 -10.84 11.35 4.34
CA GLU A 20 -10.83 11.37 4.33
C GLU A 20 -9.98 10.89 3.17
N ILE A 21 -8.75 11.41 3.09
CA ILE A 21 -7.85 11.04 1.98
C ILE A 21 -7.46 9.57 2.13
N LEU A 22 -7.21 9.15 3.36
CA LEU A 22 -6.90 7.74 3.58
C LEU A 22 -8.02 6.84 3.05
N LEU A 23 -9.27 7.17 3.38
CA LEU A 23 -10.38 6.30 3.07
C LEU A 23 -10.65 6.31 1.55
N GLU A 24 -10.41 7.47 0.92
CA GLU A 24 -10.51 7.62 -0.53
CA GLU A 24 -10.55 7.57 -0.53
C GLU A 24 -9.44 6.79 -1.23
N THR A 25 -8.24 6.78 -0.66
CA THR A 25 -7.13 6.05 -1.27
C THR A 25 -7.40 4.55 -1.24
N LEU A 26 -7.93 4.08 -0.11
CA LEU A 26 -8.33 2.68 0.08
C LEU A 26 -9.77 2.41 -0.35
N SER A 27 -10.24 3.07 -1.41
CA SER A 27 -11.67 3.05 -1.76
CA SER A 27 -11.67 3.04 -1.64
C SER A 27 -12.29 1.65 -1.80
N GLN A 28 -11.50 0.69 -2.30
CA GLN A 28 -11.94 -0.70 -2.50
CA GLN A 28 -12.02 -0.66 -2.47
C GLN A 28 -11.72 -1.60 -1.30
N ASN A 29 -11.14 -1.07 -0.23
CA ASN A 29 -10.82 -1.92 0.93
C ASN A 29 -11.95 -1.96 1.97
N ALA A 30 -12.74 -3.02 1.90
CA ALA A 30 -13.90 -3.15 2.77
C ALA A 30 -13.48 -3.74 4.12
N PHE A 31 -12.85 -2.92 4.96
CA PHE A 31 -12.37 -3.38 6.26
C PHE A 31 -13.52 -3.36 7.28
N PRO A 32 -13.44 -4.19 8.32
CA PRO A 32 -14.60 -4.28 9.22
C PRO A 32 -14.90 -2.94 9.89
N GLY A 33 -16.17 -2.56 9.91
CA GLY A 33 -16.56 -1.31 10.57
C GLY A 33 -16.33 -0.06 9.71
N ARG A 34 -15.91 -0.23 8.46
CA ARG A 34 -15.64 0.94 7.61
C ARG A 34 -16.84 1.84 7.48
N ASP A 35 -18.01 1.22 7.19
CA ASP A 35 -19.25 1.98 7.00
C ASP A 35 -19.51 2.83 8.24
N ASP A 36 -19.23 2.26 9.40
CA ASP A 36 -19.54 2.89 10.69
C ASP A 36 -18.56 4.02 11.01
N LEU A 37 -17.29 3.81 10.69
CA LEU A 37 -16.28 4.84 10.86
C LEU A 37 -16.56 5.99 9.88
N GLU A 38 -16.88 5.69 8.61
CA GLU A 38 -17.24 6.75 7.66
C GLU A 38 -18.41 7.61 8.16
N ALA A 39 -19.44 6.93 8.66
CA ALA A 39 -20.65 7.60 9.12
C ALA A 39 -20.31 8.55 10.27
N GLU A 40 -19.53 8.04 11.22
CA GLU A 40 -19.07 8.80 12.35
C GLU A 40 -18.24 10.04 11.91
N LEU A 41 -17.33 9.83 10.95
CA LEU A 41 -16.56 10.93 10.37
C LEU A 41 -17.42 11.98 9.67
N ALA A 42 -18.43 11.53 8.93
CA ALA A 42 -19.26 12.42 8.11
C ALA A 42 -20.01 13.45 8.94
N ARG A 43 -20.38 13.05 10.15
CA ARG A 43 -21.20 13.89 11.02
C ARG A 43 -20.42 14.45 12.22
N ALA A 44 -19.12 14.20 12.24
CA ALA A 44 -18.28 14.68 13.32
C ALA A 44 -18.24 16.22 13.37
N GLU A 45 -17.97 16.75 14.55
CA GLU A 45 -17.73 18.17 14.65
CA GLU A 45 -17.73 18.18 14.70
C GLU A 45 -16.24 18.43 14.50
N VAL A 46 -15.91 19.21 13.48
CA VAL A 46 -14.52 19.48 13.15
C VAL A 46 -14.07 20.77 13.83
N VAL A 47 -13.19 20.64 14.80
CA VAL A 47 -12.76 21.81 15.55
C VAL A 47 -11.27 22.06 15.37
N ASP A 48 -10.80 23.21 15.82
CA ASP A 48 -9.36 23.42 15.96
C ASP A 48 -8.86 22.45 17.02
N PRO A 49 -7.64 21.90 16.85
CA PRO A 49 -7.07 21.00 17.88
C PRO A 49 -7.18 21.52 19.32
N GLU A 50 -7.13 22.85 19.50
CA GLU A 50 -7.13 23.49 20.81
C GLU A 50 -8.39 23.32 21.64
N GLU A 51 -9.56 23.19 21.00
CA GLU A 51 -10.74 23.04 21.86
CA GLU A 51 -10.85 23.09 21.68
C GLU A 51 -11.32 21.63 21.85
N ILE A 52 -10.51 20.67 21.40
CA ILE A 52 -10.78 19.25 21.71
C ILE A 52 -10.16 18.99 23.08
N PRO A 53 -10.97 18.56 24.06
CA PRO A 53 -10.45 18.32 25.41
C PRO A 53 -9.33 17.26 25.44
N PRO A 54 -8.36 17.39 26.35
CA PRO A 54 -7.23 16.45 26.54
C PRO A 54 -7.63 15.01 26.86
N THR A 55 -8.88 14.84 27.28
CA THR A 55 -9.41 13.53 27.66
C THR A 55 -10.04 12.79 26.49
N VAL A 56 -10.15 13.45 25.33
CA VAL A 56 -10.73 12.83 24.09
C VAL A 56 -9.65 12.15 23.25
N VAL A 57 -9.95 10.93 22.77
CA VAL A 57 -9.02 10.17 21.93
C VAL A 57 -8.99 10.70 20.50
N THR A 58 -7.83 11.20 20.09
CA THR A 58 -7.61 11.70 18.75
C THR A 58 -6.58 10.81 18.06
N ASN A 60 -3.11 9.68 17.01
CA ASN A 60 -1.81 9.81 17.70
C ASN A 60 -1.87 9.99 19.22
N SER A 61 -3.09 9.84 19.78
CA SER A 61 -3.28 9.80 21.26
C SER A 61 -2.75 8.48 21.78
N THR A 62 -2.14 8.50 22.97
CA THR A 62 -1.84 7.26 23.69
C THR A 62 -2.93 7.05 24.75
N VAL A 63 -3.58 5.89 24.69
CA VAL A 63 -4.68 5.57 25.57
C VAL A 63 -4.18 4.55 26.59
N ARG A 64 -4.34 4.89 27.88
CA ARG A 64 -4.01 3.98 28.97
C ARG A 64 -5.27 3.28 29.43
N PHE A 65 -5.23 1.95 29.53
CA PHE A 65 -6.39 1.15 29.88
C PHE A 65 -6.15 0.37 31.15
N ARG A 66 -7.19 0.17 31.95
CA ARG A 66 -7.12 -0.80 33.05
CA ARG A 66 -7.10 -0.82 33.01
C ARG A 66 -8.12 -1.93 32.77
N VAL A 67 -7.66 -3.17 32.91
CA VAL A 67 -8.56 -4.30 32.75
CA VAL A 67 -8.52 -4.33 32.77
C VAL A 67 -9.40 -4.41 34.00
N GLU A 68 -10.70 -4.61 33.86
CA GLU A 68 -11.49 -4.73 35.08
CA GLU A 68 -11.58 -4.78 35.03
C GLU A 68 -11.17 -5.93 35.96
N SER A 69 -10.97 -7.14 35.40
CA SER A 69 -10.70 -8.36 36.23
C SER A 69 -9.39 -8.37 37.03
N SER A 70 -8.34 -7.75 36.49
CA SER A 70 -7.01 -7.87 37.09
C SER A 70 -6.34 -6.57 37.52
N ALA A 71 -6.88 -5.43 37.08
CA ALA A 71 -6.23 -4.12 37.32
C ALA A 71 -4.82 -4.03 36.72
N GLU A 72 -4.52 -4.95 35.81
CA GLU A 72 -3.37 -4.77 34.96
C GLU A 72 -3.69 -3.56 34.11
N GLU A 73 -2.66 -2.80 33.80
CA GLU A 73 -2.83 -1.66 32.90
C GLU A 73 -1.93 -1.83 31.70
N PHE A 74 -2.37 -1.29 30.58
CA PHE A 74 -1.60 -1.33 29.35
C PHE A 74 -1.95 -0.12 28.49
N LEU A 76 -2.33 1.64 24.39
CA LEU A 76 -2.31 1.59 22.94
C LEU A 76 -2.29 3.02 22.39
N THR A 77 -1.46 3.26 21.38
CA THR A 77 -1.41 4.53 20.70
C THR A 77 -2.10 4.34 19.35
N LEU A 78 -3.12 5.17 19.11
CA LEU A 78 -3.95 5.11 17.91
C LEU A 78 -3.20 5.81 16.79
N VAL A 79 -2.88 5.10 15.73
CA VAL A 79 -2.02 5.69 14.70
C VAL A 79 -2.57 5.49 13.29
N TYR A 80 -2.03 6.28 12.34
CA TYR A 80 -2.23 6.00 10.93
C TYR A 80 -1.46 4.74 10.52
N PRO A 81 -1.88 4.08 9.42
CA PRO A 81 -1.18 2.86 8.99
C PRO A 81 0.35 2.97 8.93
N LYS A 82 0.88 4.12 8.47
CA LYS A 82 2.34 4.33 8.38
C LYS A 82 3.08 4.06 9.70
N ASP A 83 2.37 4.18 10.83
CA ASP A 83 3.06 4.18 12.12
C ASP A 83 2.87 2.97 13.01
N VAL A 84 2.19 1.94 12.53
CA VAL A 84 2.12 0.76 13.38
C VAL A 84 3.51 0.12 13.36
N ASP A 85 3.85 -0.54 14.45
CA ASP A 85 5.12 -1.25 14.53
C ASP A 85 4.88 -2.67 15.07
N THR A 86 5.96 -3.41 15.38
CA THR A 86 5.84 -4.80 15.81
C THR A 86 5.75 -4.97 17.34
N SER A 87 5.61 -3.86 18.05
CA SER A 87 5.66 -3.89 19.52
C SER A 87 4.39 -4.43 20.16
N GLY A 88 3.25 -4.20 19.50
CA GLY A 88 1.94 -4.55 20.04
C GLY A 88 1.31 -3.42 20.83
N GLU A 89 1.98 -2.26 20.83
CA GLU A 89 1.49 -1.07 21.54
C GLU A 89 0.89 0.01 20.60
N LYS A 90 1.07 -0.14 19.29
CA LYS A 90 0.36 0.75 18.36
C LYS A 90 -0.86 0.03 17.86
N ILE A 91 -1.84 0.81 17.45
CA ILE A 91 -3.00 0.22 16.84
C ILE A 91 -3.50 1.13 15.73
N SER A 92 -3.64 0.55 14.54
CA SER A 92 -4.14 1.34 13.38
C SER A 92 -5.60 1.77 13.56
N ILE A 93 -5.91 2.95 13.02
CA ILE A 93 -7.29 3.39 12.85
C ILE A 93 -8.10 2.41 11.99
N LEU A 94 -7.42 1.60 11.17
CA LEU A 94 -8.13 0.60 10.28
C LEU A 94 -8.41 -0.73 10.98
N ALA A 95 -7.81 -0.95 12.14
CA ALA A 95 -7.87 -2.28 12.78
C ALA A 95 -9.10 -2.41 13.68
N PRO A 96 -9.63 -3.65 13.85
CA PRO A 96 -10.61 -3.88 14.91
C PRO A 96 -10.10 -3.25 16.22
N VAL A 97 -11.02 -2.64 16.94
CA VAL A 97 -10.73 -1.86 18.18
C VAL A 97 -10.18 -0.49 17.85
N GLY A 98 -9.07 -0.45 17.09
CA GLY A 98 -8.46 0.81 16.65
C GLY A 98 -9.52 1.73 16.02
N SER A 99 -10.30 1.21 15.08
CA SER A 99 -11.32 2.04 14.41
C SER A 99 -12.37 2.57 15.37
N ALA A 100 -12.60 1.87 16.48
CA ALA A 100 -13.58 2.33 17.49
C ALA A 100 -12.99 3.28 18.53
N LEU A 101 -11.67 3.37 18.61
CA LEU A 101 -11.07 4.19 19.70
C LEU A 101 -11.23 5.70 19.43
N LEU A 102 -11.21 6.09 18.16
CA LEU A 102 -11.24 7.50 17.79
C LEU A 102 -12.51 8.08 18.36
N GLY A 103 -12.36 9.19 19.06
CA GLY A 103 -13.54 9.89 19.55
C GLY A 103 -14.04 9.44 20.92
N LEU A 104 -13.51 8.33 21.43
CA LEU A 104 -13.85 7.90 22.78
C LEU A 104 -13.21 8.89 23.78
N ALA A 105 -13.59 8.79 25.05
CA ALA A 105 -13.05 9.69 26.07
C ALA A 105 -12.58 8.94 27.34
N GLN A 106 -11.69 9.57 28.12
CA GLN A 106 -11.26 9.05 29.41
C GLN A 106 -12.51 8.64 30.22
N GLY A 107 -12.43 7.46 30.85
CA GLY A 107 -13.54 6.95 31.61
C GLY A 107 -14.42 5.96 30.85
N ASP A 108 -14.36 5.99 29.50
CA ASP A 108 -15.20 5.14 28.66
C ASP A 108 -14.73 3.71 28.80
N GLU A 109 -15.67 2.78 28.71
CA GLU A 109 -15.32 1.36 28.76
C GLU A 109 -15.61 0.66 27.42
N ILE A 110 -14.72 -0.24 27.02
CA ILE A 110 -14.99 -1.03 25.82
C ILE A 110 -14.51 -2.41 26.13
N GLU A 111 -14.82 -3.34 25.25
CA GLU A 111 -14.42 -4.72 25.49
C GLU A 111 -14.11 -5.41 24.16
N TRP A 112 -13.28 -6.43 24.22
CA TRP A 112 -12.99 -7.18 23.02
C TRP A 112 -12.68 -8.61 23.40
N PRO A 113 -12.59 -9.50 22.40
CA PRO A 113 -12.47 -10.91 22.80
C PRO A 113 -11.21 -11.32 23.60
N LYS A 114 -11.41 -12.22 24.58
CA LYS A 114 -10.32 -12.89 25.25
C LYS A 114 -9.94 -14.17 24.45
N PRO A 115 -8.65 -14.40 24.19
CA PRO A 115 -8.25 -15.69 23.58
C PRO A 115 -8.76 -16.86 24.38
N GLY A 116 -9.43 -17.80 23.72
CA GLY A 116 -9.97 -19.00 24.40
C GLY A 116 -11.35 -18.77 24.98
N GLY A 117 -11.87 -17.55 24.84
CA GLY A 117 -13.27 -17.29 25.15
C GLY A 117 -13.38 -16.29 26.28
N GLY A 118 -14.50 -15.57 26.27
CA GLY A 118 -14.74 -14.51 27.26
C GLY A 118 -14.48 -13.13 26.65
N VAL A 119 -14.63 -12.11 27.48
CA VAL A 119 -14.33 -10.77 27.02
C VAL A 119 -13.34 -10.12 27.95
N LEU A 120 -12.48 -9.31 27.35
CA LEU A 120 -11.61 -8.44 28.09
C LEU A 120 -12.33 -7.11 28.14
N ARG A 121 -12.74 -6.70 29.33
CA ARG A 121 -13.40 -5.40 29.49
C ARG A 121 -12.45 -4.39 30.17
N VAL A 122 -12.25 -3.24 29.53
CA VAL A 122 -11.22 -2.28 29.97
C VAL A 122 -11.83 -0.89 30.09
N ARG A 123 -11.23 -0.08 30.97
CA ARG A 123 -11.64 1.31 31.06
C ARG A 123 -10.49 2.18 30.65
N ILE A 124 -10.78 3.27 29.95
CA ILE A 124 -9.73 4.21 29.62
C ILE A 124 -9.40 5.03 30.84
N VAL A 125 -8.17 4.87 31.33
CA VAL A 125 -7.76 5.51 32.57
C VAL A 125 -7.14 6.89 32.31
N GLU A 126 -6.55 7.07 31.13
CA GLU A 126 -5.85 8.32 30.77
C GLU A 126 -5.66 8.40 29.27
N VAL A 127 -5.68 9.63 28.76
CA VAL A 127 -5.39 9.90 27.35
C VAL A 127 -4.23 10.91 27.33
N THR A 128 -3.21 10.68 26.50
CA THR A 128 -2.06 11.56 26.44
CA THR A 128 -2.03 11.54 26.44
C THR A 128 -1.68 11.75 24.97
N TYR A 129 -1.31 12.97 24.59
CA TYR A 129 -1.02 13.19 23.21
C TYR A 129 0.48 13.07 22.94
N LYS B 6 21.32 16.49 -1.61
CA LYS B 6 21.39 17.69 -0.71
C LYS B 6 20.35 18.75 -1.06
N PRO B 7 20.13 19.03 -2.37
CA PRO B 7 18.98 19.90 -2.64
C PRO B 7 17.69 19.18 -2.21
N LYS B 8 16.82 19.88 -1.51
CA LYS B 8 15.51 19.35 -1.13
C LYS B 8 14.51 19.75 -2.20
N ILE B 9 13.51 18.92 -2.45
CA ILE B 9 12.48 19.34 -3.39
C ILE B 9 11.43 20.16 -2.69
N ILE B 11 7.35 20.79 -2.48
CA ILE B 11 6.06 20.19 -2.78
CA ILE B 11 6.05 20.26 -2.86
C ILE B 11 4.97 20.89 -1.99
N SER B 12 3.76 21.00 -2.57
CA SER B 12 2.65 21.59 -1.84
C SER B 12 2.26 20.71 -0.64
N SER B 13 1.66 21.34 0.37
CA SER B 13 1.11 20.62 1.50
C SER B 13 0.15 19.52 1.08
N LEU B 14 -0.77 19.82 0.15
CA LEU B 14 -1.72 18.83 -0.32
C LEU B 14 -1.05 17.67 -1.06
N ASP B 15 -0.09 17.95 -1.93
CA ASP B 15 0.57 16.80 -2.56
CA ASP B 15 0.75 16.91 -2.63
C ASP B 15 1.42 15.99 -1.60
N ALA B 16 2.08 16.64 -0.64
CA ALA B 16 2.84 15.92 0.39
C ALA B 16 1.89 15.01 1.16
N GLU B 17 0.72 15.56 1.51
CA GLU B 17 -0.28 14.80 2.28
C GLU B 17 -0.83 13.61 1.47
N ARG B 18 -1.25 13.87 0.23
CA ARG B 18 -1.80 12.79 -0.60
C ARG B 18 -0.78 11.71 -0.91
N LEU B 19 0.44 12.12 -1.20
CA LEU B 19 1.47 11.13 -1.51
C LEU B 19 1.82 10.32 -0.29
N GLU B 20 1.95 10.97 0.88
CA GLU B 20 2.30 10.24 2.09
C GLU B 20 1.25 9.16 2.31
N ILE B 21 -0.02 9.52 2.10
CA ILE B 21 -1.11 8.58 2.31
C ILE B 21 -1.10 7.48 1.25
N LEU B 22 -0.91 7.88 0.00
CA LEU B 22 -0.78 6.86 -1.07
C LEU B 22 0.29 5.84 -0.72
N LEU B 23 1.47 6.34 -0.33
CA LEU B 23 2.57 5.42 0.00
CA LEU B 23 2.59 5.45 0.04
C LEU B 23 2.28 4.51 1.21
N GLU B 24 1.44 4.96 2.16
CA GLU B 24 1.03 4.09 3.30
C GLU B 24 -0.08 3.07 2.98
N THR B 25 -0.54 3.07 1.73
CA THR B 25 -1.49 2.05 1.27
C THR B 25 -0.79 1.01 0.38
N LEU B 26 0.53 1.10 0.30
CA LEU B 26 1.29 0.24 -0.61
C LEU B 26 2.32 -0.53 0.19
N SER B 27 2.61 -1.76 -0.21
CA SER B 27 3.68 -2.51 0.48
C SER B 27 5.03 -1.81 0.20
N GLN B 28 6.05 -2.20 0.96
CA GLN B 28 7.38 -1.60 0.82
C GLN B 28 8.05 -1.95 -0.51
N ASN B 29 7.63 -3.07 -1.13
CA ASN B 29 8.19 -3.49 -2.41
CA ASN B 29 8.15 -3.56 -2.39
C ASN B 29 7.22 -3.28 -3.58
N ALA B 30 6.14 -2.55 -3.31
CA ALA B 30 5.10 -2.28 -4.31
C ALA B 30 5.64 -1.70 -5.62
N PHE B 31 6.70 -0.89 -5.53
CA PHE B 31 7.28 -0.27 -6.72
C PHE B 31 8.80 0.05 -6.62
N PRO B 32 9.50 0.00 -7.77
CA PRO B 32 10.94 0.32 -7.67
C PRO B 32 11.17 1.80 -7.28
N GLY B 33 12.13 2.08 -6.41
CA GLY B 33 12.37 3.48 -6.08
C GLY B 33 11.53 3.98 -4.93
N ARG B 34 10.67 3.12 -4.37
CA ARG B 34 9.81 3.49 -3.23
C ARG B 34 10.60 4.12 -2.09
N ASP B 35 11.64 3.43 -1.62
CA ASP B 35 12.43 3.93 -0.48
C ASP B 35 13.02 5.31 -0.81
N ASP B 36 13.47 5.44 -2.06
CA ASP B 36 14.11 6.70 -2.48
C ASP B 36 13.08 7.83 -2.53
N LEU B 37 11.87 7.48 -3.00
CA LEU B 37 10.83 8.53 -3.04
C LEU B 37 10.41 8.93 -1.63
N GLU B 38 10.30 7.94 -0.76
CA GLU B 38 9.99 8.22 0.67
C GLU B 38 11.01 9.13 1.30
N ALA B 39 12.30 8.82 1.04
CA ALA B 39 13.41 9.57 1.64
C ALA B 39 13.36 11.03 1.16
N GLU B 40 13.08 11.20 -0.12
CA GLU B 40 12.93 12.51 -0.72
C GLU B 40 11.77 13.28 -0.08
N LEU B 41 10.62 12.62 0.12
CA LEU B 41 9.47 13.29 0.68
C LEU B 41 9.72 13.64 2.15
N ALA B 42 10.43 12.74 2.84
CA ALA B 42 10.73 12.94 4.26
C ALA B 42 11.54 14.23 4.49
N ARG B 43 12.38 14.62 3.54
CA ARG B 43 13.19 15.81 3.70
C ARG B 43 12.75 17.03 2.83
N ALA B 44 11.62 16.87 2.13
CA ALA B 44 11.13 17.88 1.21
C ALA B 44 10.78 19.16 1.96
N GLU B 45 10.89 20.27 1.25
CA GLU B 45 10.39 21.56 1.72
CA GLU B 45 10.38 21.55 1.75
C GLU B 45 8.91 21.63 1.35
N VAL B 46 8.03 21.38 2.32
CA VAL B 46 6.59 21.40 2.05
C VAL B 46 6.06 22.84 2.22
N VAL B 47 5.46 23.36 1.14
CA VAL B 47 5.13 24.80 1.07
C VAL B 47 3.69 25.05 0.60
N ASP B 48 3.26 26.29 0.74
CA ASP B 48 2.08 26.80 0.12
C ASP B 48 2.28 26.66 -1.43
N PRO B 49 1.28 26.13 -2.17
CA PRO B 49 1.51 25.93 -3.61
C PRO B 49 1.87 27.20 -4.40
N GLU B 50 1.42 28.37 -3.92
CA GLU B 50 1.75 29.63 -4.57
CA GLU B 50 1.75 29.60 -4.60
C GLU B 50 3.25 29.90 -4.50
N GLU B 51 3.93 29.22 -3.58
CA GLU B 51 5.38 29.43 -3.39
C GLU B 51 6.23 28.49 -4.26
N ILE B 52 5.57 27.61 -4.99
CA ILE B 52 6.34 26.73 -5.85
C ILE B 52 6.53 27.40 -7.20
N PRO B 53 7.79 27.59 -7.63
CA PRO B 53 8.00 28.24 -8.92
C PRO B 53 7.40 27.41 -10.07
N PRO B 54 7.01 28.08 -11.18
CA PRO B 54 6.35 27.42 -12.33
C PRO B 54 7.32 26.54 -13.11
N THR B 55 8.58 26.59 -12.71
CA THR B 55 9.64 25.75 -13.30
C THR B 55 9.80 24.40 -12.57
N VAL B 56 9.07 24.20 -11.47
CA VAL B 56 9.24 22.97 -10.68
C VAL B 56 8.12 21.97 -10.98
N VAL B 57 8.50 20.71 -11.20
CA VAL B 57 7.50 19.66 -11.46
C VAL B 57 6.67 19.31 -10.21
N THR B 58 5.34 19.45 -10.32
CA THR B 58 4.42 19.08 -9.21
C THR B 58 3.51 17.93 -9.67
N ASN B 60 0.31 16.48 -11.14
CA ASN B 60 -0.59 17.04 -12.15
C ASN B 60 0.01 18.10 -13.08
N SER B 61 1.33 18.22 -13.08
CA SER B 61 1.95 19.09 -14.07
CA SER B 61 2.11 19.07 -14.01
C SER B 61 2.35 18.33 -15.33
N THR B 62 2.37 19.08 -16.44
CA THR B 62 2.76 18.52 -17.72
C THR B 62 4.19 18.96 -17.98
N VAL B 63 5.05 18.00 -18.22
CA VAL B 63 6.48 18.24 -18.32
C VAL B 63 6.89 18.04 -19.78
N ARG B 64 7.49 19.07 -20.38
CA ARG B 64 7.99 19.01 -21.75
C ARG B 64 9.46 18.75 -21.72
N PHE B 65 9.89 17.72 -22.45
CA PHE B 65 11.27 17.29 -22.50
C PHE B 65 11.84 17.59 -23.89
N ARG B 66 13.14 17.90 -23.97
CA ARG B 66 13.87 17.96 -25.25
CA ARG B 66 13.88 17.97 -25.24
C ARG B 66 15.09 17.04 -25.21
N VAL B 67 15.21 16.20 -26.23
CA VAL B 67 16.34 15.25 -26.29
C VAL B 67 17.62 16.07 -26.41
N GLU B 68 18.69 15.67 -25.71
CA GLU B 68 19.94 16.41 -25.82
C GLU B 68 20.50 16.35 -27.23
N SER B 69 21.14 17.44 -27.65
CA SER B 69 21.80 17.51 -28.97
C SER B 69 20.81 17.19 -30.10
N SER B 70 19.59 17.67 -29.91
CA SER B 70 18.45 17.39 -30.74
C SER B 70 17.37 18.44 -30.53
N ALA B 71 16.41 18.54 -31.47
CA ALA B 71 15.20 19.34 -31.28
C ALA B 71 13.95 18.52 -30.92
N GLU B 72 14.12 17.19 -30.84
CA GLU B 72 12.99 16.30 -30.58
CA GLU B 72 12.99 16.31 -30.57
C GLU B 72 12.44 16.57 -29.17
N GLU B 73 11.12 16.75 -29.09
CA GLU B 73 10.44 17.04 -27.81
C GLU B 73 9.22 16.15 -27.62
N PHE B 74 8.82 15.95 -26.36
CA PHE B 74 7.61 15.20 -26.07
C PHE B 74 7.19 15.62 -24.65
N LEU B 76 5.04 14.51 -20.86
CA LEU B 76 4.45 13.56 -19.97
C LEU B 76 3.83 14.35 -18.85
N THR B 77 2.64 13.94 -18.48
CA THR B 77 1.94 14.59 -17.37
C THR B 77 2.00 13.65 -16.15
N LEU B 78 2.53 14.18 -15.04
CA LEU B 78 2.72 13.38 -13.83
C LEU B 78 1.44 13.30 -13.04
N VAL B 79 0.96 12.08 -12.83
CA VAL B 79 -0.37 11.93 -12.20
C VAL B 79 -0.36 10.88 -11.06
N TYR B 80 -1.45 10.90 -10.26
CA TYR B 80 -1.70 9.82 -9.33
C TYR B 80 -2.15 8.55 -10.09
N PRO B 81 -1.93 7.38 -9.49
CA PRO B 81 -2.10 6.09 -10.15
C PRO B 81 -3.45 5.98 -10.85
N LYS B 82 -4.52 6.47 -10.24
CA LYS B 82 -5.87 6.30 -10.82
CA LYS B 82 -5.87 6.30 -10.81
C LYS B 82 -6.10 7.15 -12.07
N ASP B 83 -5.26 8.18 -12.26
CA ASP B 83 -5.46 9.16 -13.33
C ASP B 83 -4.61 8.91 -14.57
N VAL B 84 -3.92 7.77 -14.62
CA VAL B 84 -3.08 7.51 -15.81
C VAL B 84 -3.98 7.27 -17.01
N ASP B 85 -3.47 7.59 -18.20
CA ASP B 85 -4.16 7.39 -19.48
C ASP B 85 -3.67 6.08 -20.10
N THR B 86 -4.15 5.77 -21.31
CA THR B 86 -3.74 4.55 -22.00
C THR B 86 -3.20 4.83 -23.39
N SER B 87 -2.72 6.05 -23.61
CA SER B 87 -2.18 6.44 -24.91
C SER B 87 -0.80 7.11 -24.83
N GLY B 88 -0.13 6.95 -23.68
CA GLY B 88 1.29 7.26 -23.60
C GLY B 88 1.62 8.67 -23.15
N GLU B 89 0.62 9.44 -22.74
CA GLU B 89 0.94 10.85 -22.39
CA GLU B 89 0.80 10.87 -22.38
C GLU B 89 0.98 11.13 -20.88
N LYS B 90 0.41 10.25 -20.07
CA LYS B 90 0.45 10.46 -18.62
C LYS B 90 1.30 9.39 -18.00
N ILE B 91 1.90 9.69 -16.84
CA ILE B 91 2.82 8.76 -16.20
C ILE B 91 2.56 8.82 -14.67
N SER B 92 2.44 7.64 -14.04
CA SER B 92 2.12 7.57 -12.63
C SER B 92 3.34 7.97 -11.80
N ILE B 93 3.07 8.58 -10.65
CA ILE B 93 4.10 8.83 -9.67
C ILE B 93 4.77 7.51 -9.18
N LEU B 94 4.09 6.36 -9.35
CA LEU B 94 4.69 5.08 -8.92
C LEU B 94 5.59 4.41 -9.98
N ALA B 95 5.55 4.95 -11.19
CA ALA B 95 6.23 4.34 -12.36
C ALA B 95 7.68 4.69 -12.44
N PRO B 96 8.50 3.79 -13.03
CA PRO B 96 9.87 4.19 -13.40
C PRO B 96 9.81 5.50 -14.21
N VAL B 97 10.73 6.43 -13.92
CA VAL B 97 10.78 7.79 -14.48
C VAL B 97 9.76 8.68 -13.74
N GLY B 98 8.46 8.30 -13.81
CA GLY B 98 7.41 9.02 -13.03
C GLY B 98 7.82 9.36 -11.58
N SER B 99 8.25 8.33 -10.84
CA SER B 99 8.61 8.56 -9.42
C SER B 99 9.74 9.61 -9.27
N ALA B 100 10.61 9.70 -10.28
CA ALA B 100 11.71 10.66 -10.23
C ALA B 100 11.35 12.08 -10.70
N LEU B 101 10.25 12.23 -11.43
CA LEU B 101 9.93 13.55 -12.03
C LEU B 101 9.58 14.56 -10.93
N LEU B 102 8.87 14.09 -9.90
CA LEU B 102 8.38 15.00 -8.87
C LEU B 102 9.52 15.83 -8.27
N GLY B 103 9.36 17.16 -8.27
CA GLY B 103 10.39 18.02 -7.68
C GLY B 103 11.58 18.41 -8.56
N LEU B 104 11.70 17.77 -9.75
CA LEU B 104 12.70 18.21 -10.76
C LEU B 104 12.32 19.62 -11.25
N ALA B 105 13.25 20.27 -11.94
CA ALA B 105 12.99 21.61 -12.42
C ALA B 105 13.42 21.78 -13.87
N GLN B 106 12.85 22.77 -14.53
CA GLN B 106 13.27 23.14 -15.87
C GLN B 106 14.81 23.18 -15.91
N GLY B 107 15.38 22.57 -16.94
CA GLY B 107 16.82 22.49 -17.16
C GLY B 107 17.46 21.20 -16.67
N ASP B 108 16.76 20.43 -15.83
CA ASP B 108 17.34 19.19 -15.28
C ASP B 108 17.40 18.11 -16.36
N GLU B 109 18.45 17.29 -16.26
CA GLU B 109 18.74 16.18 -17.16
C GLU B 109 18.33 14.87 -16.53
N ILE B 110 17.70 14.00 -17.32
CA ILE B 110 17.45 12.62 -16.90
C ILE B 110 17.62 11.71 -18.11
N GLU B 111 17.76 10.41 -17.81
CA GLU B 111 17.95 9.38 -18.83
C GLU B 111 17.07 8.18 -18.61
N TRP B 112 16.70 7.51 -19.70
CA TRP B 112 16.11 6.18 -19.55
C TRP B 112 16.32 5.39 -20.84
N PRO B 113 16.03 4.08 -20.81
CA PRO B 113 16.45 3.27 -21.92
C PRO B 113 15.70 3.53 -23.21
N LYS B 114 16.42 3.41 -24.34
CA LYS B 114 15.79 3.47 -25.67
C LYS B 114 15.30 2.08 -26.07
N PRO B 115 14.09 1.97 -26.66
CA PRO B 115 13.73 0.68 -27.30
C PRO B 115 14.79 0.33 -28.32
N GLY B 116 15.28 -0.90 -28.24
CA GLY B 116 16.28 -1.35 -29.20
C GLY B 116 17.71 -1.21 -28.69
N GLY B 117 17.90 -0.54 -27.54
CA GLY B 117 19.22 -0.41 -26.94
C GLY B 117 19.68 1.05 -26.90
N GLY B 118 20.55 1.34 -25.95
CA GLY B 118 21.03 2.70 -25.86
C GLY B 118 20.28 3.48 -24.79
N VAL B 119 20.69 4.74 -24.60
CA VAL B 119 20.17 5.57 -23.50
C VAL B 119 19.62 6.89 -24.05
N LEU B 120 18.38 7.21 -23.69
CA LEU B 120 17.74 8.43 -24.11
C LEU B 120 18.17 9.50 -23.12
N ARG B 121 18.78 10.57 -23.61
CA ARG B 121 19.22 11.71 -22.75
C ARG B 121 18.28 12.89 -22.99
N VAL B 122 17.61 13.40 -21.95
CA VAL B 122 16.70 14.50 -22.15
C VAL B 122 16.87 15.57 -21.06
N ARG B 123 16.41 16.78 -21.39
CA ARG B 123 16.32 17.82 -20.36
C ARG B 123 14.91 18.33 -20.29
N ILE B 124 14.47 18.72 -19.09
CA ILE B 124 13.15 19.34 -18.99
C ILE B 124 13.24 20.76 -19.56
N VAL B 125 12.36 21.08 -20.50
CA VAL B 125 12.37 22.45 -21.09
C VAL B 125 11.21 23.33 -20.62
N GLU B 126 10.13 22.72 -20.14
CA GLU B 126 9.01 23.49 -19.62
C GLU B 126 8.13 22.67 -18.72
N VAL B 127 7.52 23.32 -17.72
CA VAL B 127 6.57 22.66 -16.85
C VAL B 127 5.32 23.54 -16.86
N THR B 128 4.16 22.93 -17.04
CA THR B 128 2.90 23.68 -17.12
C THR B 128 1.85 22.97 -16.28
N TYR B 129 0.92 23.71 -15.66
CA TYR B 129 0.03 23.02 -14.70
C TYR B 129 -1.26 22.52 -15.32
N LYS C 8 18.39 -7.80 -33.75
CA LYS C 8 16.94 -8.18 -33.98
C LYS C 8 16.31 -8.86 -32.76
N ILE C 9 15.15 -8.36 -32.34
CA ILE C 9 14.43 -9.06 -31.27
C ILE C 9 13.51 -10.12 -31.86
N ILE C 11 9.68 -11.73 -31.53
CA ILE C 11 8.33 -11.39 -31.08
C ILE C 11 7.35 -12.35 -31.77
N SER C 12 6.27 -12.71 -31.08
CA SER C 12 5.26 -13.57 -31.67
C SER C 12 4.49 -12.80 -32.76
N SER C 13 3.91 -13.52 -33.71
CA SER C 13 3.12 -12.90 -34.75
CA SER C 13 3.11 -12.89 -34.75
C SER C 13 1.93 -12.16 -34.13
N LEU C 14 1.34 -12.75 -33.09
CA LEU C 14 0.19 -12.16 -32.37
C LEU C 14 0.59 -10.81 -31.78
N ASP C 15 1.73 -10.77 -31.11
CA ASP C 15 2.17 -9.52 -30.51
C ASP C 15 2.65 -8.50 -31.52
N ALA C 16 3.35 -8.98 -32.55
CA ALA C 16 3.70 -8.11 -33.67
C ALA C 16 2.46 -7.47 -34.31
N GLU C 17 1.43 -8.26 -34.60
CA GLU C 17 0.23 -7.73 -35.23
C GLU C 17 -0.50 -6.79 -34.25
N ARG C 18 -0.56 -7.17 -32.96
CA ARG C 18 -1.24 -6.34 -31.96
CA ARG C 18 -1.25 -6.35 -31.97
C ARG C 18 -0.57 -4.99 -31.79
N LEU C 19 0.76 -5.02 -31.71
CA LEU C 19 1.53 -3.79 -31.50
C LEU C 19 1.43 -2.89 -32.73
N GLU C 20 1.45 -3.49 -33.93
CA GLU C 20 1.28 -2.73 -35.16
CA GLU C 20 1.29 -2.70 -35.15
C GLU C 20 -0.05 -1.99 -35.13
N ILE C 21 -1.10 -2.70 -34.74
CA ILE C 21 -2.42 -2.09 -34.69
C ILE C 21 -2.44 -0.95 -33.69
N LEU C 22 -1.84 -1.21 -32.54
CA LEU C 22 -1.77 -0.23 -31.48
C LEU C 22 -1.08 1.05 -31.96
N LEU C 23 0.06 0.87 -32.62
CA LEU C 23 0.88 2.00 -33.04
C LEU C 23 0.20 2.78 -34.16
N GLU C 24 -0.53 2.09 -35.03
CA GLU C 24 -1.36 2.76 -36.06
C GLU C 24 -2.48 3.58 -35.46
N THR C 25 -3.11 3.03 -34.44
CA THR C 25 -4.22 3.67 -33.75
C THR C 25 -3.76 4.97 -33.06
N LEU C 26 -2.54 4.93 -32.54
CA LEU C 26 -1.93 6.02 -31.77
C LEU C 26 -1.03 6.93 -32.60
N SER C 27 -1.14 6.85 -33.92
CA SER C 27 -0.33 7.68 -34.82
C SER C 27 -0.15 9.14 -34.35
N GLN C 28 -1.22 9.69 -33.77
CA GLN C 28 -1.32 11.12 -33.40
C GLN C 28 -0.58 11.48 -32.12
N ASN C 29 0.11 10.49 -31.55
CA ASN C 29 0.62 10.58 -30.18
C ASN C 29 2.11 10.30 -30.15
N ALA C 30 2.93 11.35 -30.25
CA ALA C 30 4.36 11.11 -30.36
C ALA C 30 5.03 10.82 -28.99
N PHE C 31 4.53 9.73 -28.36
CA PHE C 31 5.02 9.16 -27.08
C PHE C 31 6.50 8.83 -27.18
N PRO C 32 7.26 9.07 -26.10
CA PRO C 32 8.71 8.96 -26.23
C PRO C 32 9.09 7.56 -26.61
N GLY C 33 10.13 7.39 -27.43
CA GLY C 33 10.50 6.03 -27.84
C GLY C 33 9.64 5.41 -28.95
N ARG C 34 8.65 6.14 -29.47
CA ARG C 34 7.79 5.57 -30.54
C ARG C 34 8.61 5.18 -31.78
N ASP C 35 9.38 6.11 -32.33
CA ASP C 35 10.15 5.81 -33.52
C ASP C 35 11.13 4.64 -33.30
N ASP C 36 11.77 4.59 -32.11
CA ASP C 36 12.71 3.51 -31.79
C ASP C 36 12.01 2.17 -31.65
N LEU C 37 10.84 2.17 -31.03
CA LEU C 37 10.06 0.93 -30.94
C LEU C 37 9.58 0.46 -32.33
N GLU C 38 9.07 1.38 -33.15
CA GLU C 38 8.59 1.03 -34.50
CA GLU C 38 8.58 1.01 -34.48
C GLU C 38 9.75 0.49 -35.32
N ALA C 39 10.92 1.11 -35.21
CA ALA C 39 12.12 0.64 -35.94
C ALA C 39 12.49 -0.78 -35.49
N GLU C 40 12.44 -1.01 -34.19
CA GLU C 40 12.74 -2.32 -33.65
C GLU C 40 11.72 -3.36 -34.16
N LEU C 41 10.44 -3.02 -34.12
CA LEU C 41 9.42 -3.95 -34.60
C LEU C 41 9.54 -4.27 -36.09
N ALA C 42 9.88 -3.25 -36.87
CA ALA C 42 9.96 -3.35 -38.34
C ALA C 42 11.03 -4.35 -38.78
N ARG C 43 12.05 -4.54 -37.96
CA ARG C 43 13.13 -5.46 -38.28
C ARG C 43 13.20 -6.68 -37.38
N ALA C 44 12.21 -6.83 -36.49
CA ALA C 44 12.10 -7.98 -35.62
C ALA C 44 12.03 -9.30 -36.39
N GLU C 45 12.45 -10.38 -35.74
CA GLU C 45 12.11 -11.73 -36.18
C GLU C 45 10.73 -12.11 -35.65
N VAL C 46 9.73 -12.12 -36.53
CA VAL C 46 8.36 -12.46 -36.16
C VAL C 46 8.19 -13.98 -36.28
N VAL C 47 7.90 -14.60 -35.13
CA VAL C 47 7.89 -16.06 -34.98
C VAL C 47 6.60 -16.54 -34.29
N ASP C 48 6.46 -17.84 -34.03
CA ASP C 48 5.38 -18.21 -33.15
C ASP C 48 5.97 -18.21 -31.73
N PRO C 49 5.09 -18.13 -30.70
CA PRO C 49 5.60 -18.02 -29.32
C PRO C 49 6.50 -19.19 -28.95
N GLU C 50 6.22 -20.36 -29.52
CA GLU C 50 7.00 -21.56 -29.19
C GLU C 50 8.48 -21.44 -29.59
N GLU C 51 8.79 -20.51 -30.49
CA GLU C 51 10.16 -20.30 -30.94
C GLU C 51 11.00 -19.43 -29.97
N ILE C 52 10.31 -18.72 -29.07
CA ILE C 52 10.99 -17.69 -28.27
C ILE C 52 11.44 -18.28 -26.95
N PRO C 53 12.75 -18.21 -26.65
CA PRO C 53 13.23 -18.80 -25.37
C PRO C 53 12.61 -18.12 -24.15
N PRO C 54 12.47 -18.86 -23.01
CA PRO C 54 11.86 -18.23 -21.82
C PRO C 54 12.71 -17.13 -21.15
N THR C 55 13.92 -16.89 -21.65
CA THR C 55 14.79 -15.81 -21.14
C THR C 55 14.50 -14.45 -21.83
N VAL C 56 13.60 -14.46 -22.80
CA VAL C 56 13.35 -13.23 -23.58
C VAL C 56 12.07 -12.56 -23.12
N VAL C 57 12.11 -11.24 -22.94
CA VAL C 57 10.93 -10.48 -22.50
C VAL C 57 9.95 -10.33 -23.66
N THR C 58 8.74 -10.81 -23.43
CA THR C 58 7.65 -10.66 -24.38
C THR C 58 6.50 -9.87 -23.75
N ASN C 60 3.26 -9.34 -21.91
CA ASN C 60 2.67 -10.14 -20.83
C ASN C 60 3.67 -10.99 -20.05
N SER C 61 4.95 -10.71 -20.24
CA SER C 61 6.02 -11.29 -19.39
C SER C 61 6.02 -10.59 -18.07
N THR C 62 6.21 -11.34 -16.99
CA THR C 62 6.62 -10.76 -15.71
C THR C 62 8.15 -10.83 -15.59
N VAL C 63 8.72 -9.65 -15.37
CA VAL C 63 10.17 -9.51 -15.31
C VAL C 63 10.58 -9.28 -13.87
N ARG C 64 11.42 -10.16 -13.32
CA ARG C 64 11.97 -9.98 -11.97
C ARG C 64 13.34 -9.30 -12.11
N PHE C 65 13.50 -8.19 -11.42
CA PHE C 65 14.76 -7.44 -11.45
C PHE C 65 15.46 -7.56 -10.11
N ARG C 66 16.78 -7.50 -10.19
CA ARG C 66 17.60 -7.25 -9.02
C ARG C 66 18.38 -5.96 -9.17
N VAL C 67 18.38 -5.14 -8.11
CA VAL C 67 19.16 -3.91 -8.14
C VAL C 67 20.64 -4.26 -8.15
N GLU C 68 21.37 -3.75 -9.13
CA GLU C 68 22.78 -4.09 -9.20
C GLU C 68 23.53 -3.65 -7.93
N SER C 69 24.54 -4.44 -7.50
CA SER C 69 25.28 -4.25 -6.24
C SER C 69 24.38 -4.41 -4.98
N SER C 70 23.21 -5.00 -5.14
CA SER C 70 22.23 -5.16 -4.07
C SER C 70 21.59 -6.55 -4.15
N ALA C 71 20.90 -6.92 -3.07
CA ALA C 71 20.04 -8.08 -3.07
C ALA C 71 18.56 -7.70 -3.34
N GLU C 72 18.28 -6.39 -3.43
CA GLU C 72 16.93 -5.89 -3.55
C GLU C 72 16.33 -6.29 -4.90
N GLU C 73 15.08 -6.77 -4.84
CA GLU C 73 14.40 -7.27 -6.03
C GLU C 73 12.96 -6.75 -6.11
N PHE C 74 12.47 -6.58 -7.34
CA PHE C 74 11.08 -6.22 -7.58
C PHE C 74 10.68 -6.78 -8.96
N LEU C 76 8.15 -6.21 -12.56
CA LEU C 76 7.19 -5.46 -13.40
C LEU C 76 6.71 -6.41 -14.47
N THR C 77 5.43 -6.31 -14.74
CA THR C 77 4.81 -7.11 -15.80
C THR C 77 4.55 -6.19 -16.98
N LEU C 78 5.12 -6.55 -18.14
CA LEU C 78 4.99 -5.72 -19.34
C LEU C 78 3.64 -5.99 -19.97
N VAL C 79 2.83 -4.95 -20.11
CA VAL C 79 1.43 -5.12 -20.57
C VAL C 79 1.01 -4.14 -21.68
N TYR C 80 -0.08 -4.50 -22.37
CA TYR C 80 -0.78 -3.56 -23.21
C TYR C 80 -1.52 -2.56 -22.33
N PRO C 81 -1.80 -1.34 -22.86
CA PRO C 81 -2.41 -0.26 -22.05
C PRO C 81 -3.62 -0.71 -21.23
N LYS C 82 -4.46 -1.56 -21.79
CA LYS C 82 -5.71 -2.03 -21.14
C LYS C 82 -5.44 -2.78 -19.82
N ASP C 83 -4.22 -3.31 -19.66
CA ASP C 83 -3.94 -4.16 -18.52
C ASP C 83 -3.08 -3.52 -17.45
N VAL C 84 -2.85 -2.22 -17.58
CA VAL C 84 -2.21 -1.48 -16.54
C VAL C 84 -3.18 -1.41 -15.35
N ASP C 85 -2.64 -1.32 -14.14
CA ASP C 85 -3.46 -1.08 -12.95
C ASP C 85 -2.72 -0.13 -12.00
N THR C 86 -3.28 0.08 -10.81
CA THR C 86 -2.75 1.11 -9.86
C THR C 86 -1.78 0.50 -8.86
N SER C 87 -1.37 -0.74 -9.11
CA SER C 87 -0.58 -1.47 -8.11
C SER C 87 0.87 -1.01 -8.02
N GLY C 88 1.40 -0.43 -9.09
CA GLY C 88 2.84 -0.17 -9.22
C GLY C 88 3.65 -1.34 -9.83
N GLU C 89 2.96 -2.44 -10.15
CA GLU C 89 3.64 -3.65 -10.63
C GLU C 89 3.51 -3.84 -12.14
N LYS C 90 2.60 -3.10 -12.80
CA LYS C 90 2.44 -3.23 -14.27
C LYS C 90 3.17 -2.09 -14.92
N ILE C 91 3.61 -2.36 -16.16
CA ILE C 91 4.19 -1.28 -16.94
C ILE C 91 3.73 -1.43 -18.39
N SER C 92 3.18 -0.35 -18.92
CA SER C 92 2.72 -0.35 -20.32
C SER C 92 3.91 -0.36 -21.31
N ILE C 93 3.71 -1.04 -22.44
CA ILE C 93 4.62 -1.01 -23.57
C ILE C 93 4.81 0.44 -24.10
N LEU C 94 3.84 1.33 -23.82
CA LEU C 94 3.99 2.71 -24.24
C LEU C 94 4.83 3.56 -23.28
N ALA C 95 5.02 3.09 -22.06
CA ALA C 95 5.65 3.96 -21.04
C ALA C 95 7.16 3.96 -21.15
N PRO C 96 7.81 5.04 -20.67
CA PRO C 96 9.27 4.98 -20.48
C PRO C 96 9.62 3.72 -19.72
N VAL C 97 10.73 3.10 -20.10
CA VAL C 97 11.19 1.81 -19.61
C VAL C 97 10.37 0.65 -20.22
N GLY C 98 9.04 0.69 -20.11
CA GLY C 98 8.19 -0.33 -20.69
C GLY C 98 8.51 -0.56 -22.17
N SER C 99 8.62 0.54 -22.94
CA SER C 99 8.82 0.41 -24.40
C SER C 99 10.18 -0.28 -24.66
N ALA C 100 11.16 -0.10 -23.75
CA ALA C 100 12.49 -0.71 -23.89
C ALA C 100 12.56 -2.16 -23.42
N LEU C 101 11.67 -2.59 -22.51
CA LEU C 101 11.79 -3.93 -21.94
C LEU C 101 11.55 -5.02 -23.02
N LEU C 102 10.64 -4.73 -23.96
CA LEU C 102 10.30 -5.72 -25.00
C LEU C 102 11.58 -6.22 -25.68
N GLY C 103 11.79 -7.53 -25.70
CA GLY C 103 12.91 -8.11 -26.45
C GLY C 103 14.23 -8.20 -25.72
N LEU C 104 14.32 -7.57 -24.53
CA LEU C 104 15.51 -7.74 -23.67
C LEU C 104 15.56 -9.19 -23.13
N ALA C 105 16.65 -9.52 -22.46
CA ALA C 105 16.83 -10.89 -22.02
C ALA C 105 17.45 -10.96 -20.64
N GLN C 106 17.21 -12.10 -20.01
CA GLN C 106 17.77 -12.38 -18.69
C GLN C 106 19.28 -12.07 -18.72
N GLY C 107 19.76 -11.39 -17.67
CA GLY C 107 21.17 -10.97 -17.56
C GLY C 107 21.43 -9.53 -18.01
N ASP C 108 20.52 -8.96 -18.83
CA ASP C 108 20.70 -7.59 -19.27
C ASP C 108 20.53 -6.60 -18.10
N GLU C 109 21.34 -5.55 -18.12
CA GLU C 109 21.14 -4.42 -17.20
C GLU C 109 20.66 -3.15 -17.90
N ILE C 110 19.81 -2.44 -17.19
CA ILE C 110 19.30 -1.15 -17.66
C ILE C 110 19.19 -0.22 -16.44
N GLU C 111 18.99 1.06 -16.72
CA GLU C 111 18.83 2.06 -15.65
C GLU C 111 17.72 3.03 -15.97
N TRP C 112 17.18 3.59 -14.89
CA TRP C 112 16.29 4.72 -15.02
C TRP C 112 16.47 5.65 -13.81
N PRO C 113 15.90 6.87 -13.86
CA PRO C 113 16.24 7.85 -12.79
C PRO C 113 15.78 7.40 -11.42
N LYS C 114 16.60 7.71 -10.43
CA LYS C 114 16.23 7.46 -9.05
C LYS C 114 15.59 8.73 -8.47
N PRO C 115 14.46 8.58 -7.76
CA PRO C 115 13.86 9.74 -7.10
C PRO C 115 14.90 10.37 -6.22
N GLY C 116 15.04 11.69 -6.33
CA GLY C 116 16.05 12.42 -5.56
C GLY C 116 17.40 12.61 -6.23
N GLY C 117 17.64 11.86 -7.32
CA GLY C 117 18.84 12.03 -8.12
C GLY C 117 19.64 10.75 -8.32
N GLY C 118 20.49 10.72 -9.35
CA GLY C 118 21.24 9.50 -9.67
C GLY C 118 20.35 8.50 -10.40
N VAL C 119 20.84 7.28 -10.51
CA VAL C 119 20.17 6.29 -11.35
C VAL C 119 19.90 5.00 -10.52
N LEU C 120 18.86 4.30 -10.91
CA LEU C 120 18.62 2.99 -10.38
C LEU C 120 19.04 2.02 -11.47
N ARG C 121 20.06 1.21 -11.19
CA ARG C 121 20.55 0.25 -12.15
C ARG C 121 20.10 -1.14 -11.75
N VAL C 122 19.48 -1.84 -12.70
CA VAL C 122 18.86 -3.12 -12.41
C VAL C 122 19.23 -4.19 -13.43
N ARG C 123 19.16 -5.45 -12.97
CA ARG C 123 19.44 -6.57 -13.83
C ARG C 123 18.18 -7.41 -13.99
N ILE C 124 17.86 -7.77 -15.21
CA ILE C 124 16.77 -8.78 -15.44
C ILE C 124 17.27 -10.13 -14.94
N VAL C 125 16.65 -10.66 -13.88
CA VAL C 125 17.14 -11.94 -13.33
C VAL C 125 16.22 -13.15 -13.67
N GLU C 126 14.97 -12.85 -13.95
CA GLU C 126 14.03 -13.91 -14.41
C GLU C 126 12.92 -13.33 -15.28
N VAL C 127 12.50 -14.09 -16.28
CA VAL C 127 11.35 -13.71 -17.09
C VAL C 127 10.32 -14.86 -17.04
N THR C 128 9.08 -14.56 -16.72
CA THR C 128 8.08 -15.65 -16.56
C THR C 128 6.70 -15.16 -17.06
N TYR C 129 5.86 -16.11 -17.48
CA TYR C 129 4.42 -15.80 -17.74
C TYR C 129 3.55 -16.16 -16.54
N LYS D 6 -13.13 -27.28 28.32
CA LYS D 6 -12.97 -26.45 27.08
C LYS D 6 -12.27 -27.22 25.94
N PRO D 7 -12.79 -27.10 24.70
CA PRO D 7 -12.06 -27.66 23.57
C PRO D 7 -10.67 -27.03 23.41
N LYS D 8 -9.74 -27.83 22.91
CA LYS D 8 -8.38 -27.36 22.70
C LYS D 8 -8.24 -26.87 21.27
N ILE D 9 -7.36 -25.90 21.06
CA ILE D 9 -7.03 -25.49 19.72
C ILE D 9 -6.03 -26.46 19.07
N ILE D 11 -2.81 -26.74 16.35
CA ILE D 11 -1.78 -25.85 15.86
C ILE D 11 -0.57 -26.71 15.43
N SER D 12 0.15 -26.25 14.40
CA SER D 12 1.31 -27.01 13.93
C SER D 12 2.45 -26.88 14.94
N SER D 13 3.40 -27.82 14.89
CA SER D 13 4.56 -27.75 15.79
C SER D 13 5.33 -26.46 15.57
N LEU D 14 5.49 -26.10 14.31
CA LEU D 14 6.25 -24.89 13.97
C LEU D 14 5.59 -23.62 14.50
N ASP D 15 4.27 -23.52 14.36
CA ASP D 15 3.57 -22.32 14.77
C ASP D 15 3.54 -22.28 16.29
N ALA D 16 3.43 -23.44 16.93
CA ALA D 16 3.47 -23.50 18.38
C ALA D 16 4.84 -22.98 18.87
N GLU D 17 5.91 -23.42 18.21
CA GLU D 17 7.27 -23.09 18.64
C GLU D 17 7.45 -21.58 18.45
N ARG D 18 7.16 -21.10 17.25
CA ARG D 18 7.32 -19.71 16.91
C ARG D 18 6.51 -18.77 17.80
N LEU D 19 5.26 -19.12 18.07
CA LEU D 19 4.43 -18.32 18.96
C LEU D 19 4.90 -18.30 20.39
N GLU D 20 5.31 -19.46 20.89
CA GLU D 20 5.83 -19.60 22.26
CA GLU D 20 5.77 -19.56 22.27
C GLU D 20 6.98 -18.63 22.41
N ILE D 21 7.85 -18.63 21.42
CA ILE D 21 9.03 -17.76 21.49
C ILE D 21 8.66 -16.28 21.42
N LEU D 22 7.78 -15.91 20.49
CA LEU D 22 7.30 -14.55 20.39
C LEU D 22 6.70 -14.08 21.71
N LEU D 23 5.85 -14.92 22.32
CA LEU D 23 5.15 -14.53 23.56
C LEU D 23 6.10 -14.42 24.72
N GLU D 24 7.11 -15.29 24.73
CA GLU D 24 8.12 -15.31 25.77
C GLU D 24 8.83 -13.95 25.89
N THR D 25 9.06 -13.29 24.75
CA THR D 25 9.83 -12.03 24.68
C THR D 25 9.08 -10.71 24.95
N LEU D 26 7.77 -10.80 25.21
CA LEU D 26 6.95 -9.60 25.33
C LEU D 26 7.03 -8.98 26.71
N SER D 27 6.90 -7.65 26.75
CA SER D 27 6.50 -6.86 27.94
C SER D 27 7.35 -5.64 28.18
N PHE D 31 0.79 -7.08 26.05
CA PHE D 31 -0.64 -7.09 25.65
C PHE D 31 -1.61 -7.89 26.55
N PRO D 32 -2.83 -7.38 26.71
CA PRO D 32 -3.85 -7.91 27.63
C PRO D 32 -4.17 -9.43 27.49
N GLY D 33 -4.20 -9.91 26.25
CA GLY D 33 -4.44 -11.30 25.96
C GLY D 33 -3.27 -12.27 26.03
N ARG D 34 -2.09 -11.80 26.45
CA ARG D 34 -0.90 -12.66 26.47
CA ARG D 34 -0.89 -12.65 26.48
C ARG D 34 -1.11 -13.93 27.28
N ASP D 35 -1.58 -13.76 28.52
CA ASP D 35 -1.71 -14.90 29.42
C ASP D 35 -2.74 -15.91 28.93
N ASP D 36 -3.86 -15.40 28.41
CA ASP D 36 -4.92 -16.23 27.86
C ASP D 36 -4.42 -16.98 26.65
N LEU D 37 -3.67 -16.29 25.78
CA LEU D 37 -3.12 -16.95 24.59
C LEU D 37 -2.10 -18.07 24.98
N GLU D 38 -1.19 -17.74 25.89
CA GLU D 38 -0.25 -18.74 26.43
C GLU D 38 -0.97 -19.98 27.02
N ALA D 39 -2.09 -19.75 27.71
CA ALA D 39 -2.83 -20.84 28.34
C ALA D 39 -3.43 -21.75 27.26
N GLU D 40 -3.95 -21.16 26.18
CA GLU D 40 -4.38 -21.96 25.03
C GLU D 40 -3.23 -22.76 24.45
N LEU D 41 -2.08 -22.12 24.25
CA LEU D 41 -0.97 -22.82 23.60
C LEU D 41 -0.49 -23.96 24.49
N ALA D 42 -0.50 -23.73 25.79
CA ALA D 42 -0.01 -24.75 26.75
C ALA D 42 -0.78 -26.08 26.67
N ARG D 43 -2.05 -26.00 26.30
CA ARG D 43 -2.93 -27.18 26.27
C ARG D 43 -3.39 -27.58 24.86
N ALA D 44 -2.79 -26.95 23.86
CA ALA D 44 -3.13 -27.16 22.48
C ALA D 44 -2.83 -28.59 22.02
N GLU D 45 -3.51 -28.99 20.92
CA GLU D 45 -3.15 -30.20 20.17
C GLU D 45 -2.14 -29.81 19.12
N VAL D 46 -0.87 -30.14 19.38
CA VAL D 46 0.20 -29.78 18.46
C VAL D 46 0.40 -30.94 17.51
N VAL D 47 0.11 -30.71 16.22
CA VAL D 47 0.09 -31.79 15.21
C VAL D 47 0.77 -31.37 13.90
N ASP D 48 0.89 -32.29 12.94
CA ASP D 48 1.38 -31.91 11.61
C ASP D 48 0.35 -30.97 10.97
N PRO D 49 0.79 -29.99 10.17
CA PRO D 49 -0.20 -29.07 9.53
C PRO D 49 -1.29 -29.79 8.73
N GLU D 50 -0.93 -30.93 8.15
CA GLU D 50 -1.86 -31.66 7.29
CA GLU D 50 -1.81 -31.70 7.31
C GLU D 50 -2.96 -32.28 8.14
N GLU D 51 -2.74 -32.34 9.46
CA GLU D 51 -3.75 -32.91 10.36
C GLU D 51 -4.79 -31.89 10.82
N ILE D 52 -4.56 -30.63 10.49
CA ILE D 52 -5.47 -29.56 10.93
C ILE D 52 -6.46 -29.29 9.82
N PRO D 53 -7.76 -29.41 10.13
CA PRO D 53 -8.76 -29.24 9.09
C PRO D 53 -8.67 -27.82 8.50
N PRO D 54 -9.04 -27.65 7.22
CA PRO D 54 -8.97 -26.31 6.62
C PRO D 54 -10.04 -25.34 7.16
N THR D 55 -10.92 -25.84 8.04
CA THR D 55 -11.95 -25.01 8.71
C THR D 55 -11.40 -24.33 9.97
N VAL D 56 -10.17 -24.69 10.35
CA VAL D 56 -9.57 -24.15 11.56
C VAL D 56 -8.69 -22.91 11.27
N VAL D 57 -8.83 -21.85 12.09
CA VAL D 57 -7.99 -20.65 11.93
C VAL D 57 -6.56 -20.92 12.39
N THR D 58 -5.60 -20.87 11.45
CA THR D 58 -4.21 -21.09 11.76
C THR D 58 -3.44 -19.82 11.48
N ASN D 60 -1.32 -17.37 9.49
CA ASN D 60 -1.26 -17.10 8.03
C ASN D 60 -2.51 -17.49 7.22
N SER D 61 -3.56 -17.89 7.90
CA SER D 61 -4.80 -18.14 7.17
C SER D 61 -5.62 -16.86 7.00
N THR D 62 -6.46 -16.90 5.99
CA THR D 62 -7.40 -15.82 5.71
C THR D 62 -8.79 -16.21 6.17
N VAL D 63 -9.38 -15.33 6.99
CA VAL D 63 -10.65 -15.62 7.63
C VAL D 63 -11.70 -14.70 7.02
N ARG D 64 -12.74 -15.29 6.46
CA ARG D 64 -13.87 -14.49 5.93
C ARG D 64 -14.97 -14.48 6.99
N PHE D 65 -15.45 -13.28 7.30
CA PHE D 65 -16.49 -13.07 8.29
C PHE D 65 -17.77 -12.53 7.67
N ARG D 66 -18.90 -12.91 8.25
CA ARG D 66 -20.18 -12.24 7.87
C ARG D 66 -20.76 -11.52 9.07
N VAL D 67 -21.21 -10.27 8.88
CA VAL D 67 -21.91 -9.54 9.97
C VAL D 67 -23.28 -10.17 10.11
N GLU D 68 -23.65 -10.60 11.32
CA GLU D 68 -24.84 -11.45 11.49
C GLU D 68 -26.14 -10.79 11.10
N SER D 69 -26.21 -9.48 11.27
CA SER D 69 -27.45 -8.75 11.04
C SER D 69 -27.64 -8.31 9.57
N SER D 70 -26.74 -8.75 8.69
CA SER D 70 -26.81 -8.41 7.25
C SER D 70 -26.13 -9.44 6.32
N ALA D 71 -25.99 -9.07 5.05
CA ALA D 71 -25.25 -9.92 4.13
C ALA D 71 -23.75 -9.58 4.10
N GLU D 72 -23.35 -8.60 4.92
CA GLU D 72 -22.03 -7.99 4.73
CA GLU D 72 -22.03 -7.97 4.77
C GLU D 72 -20.87 -8.87 5.19
N GLU D 73 -19.83 -8.89 4.37
CA GLU D 73 -18.64 -9.75 4.64
C GLU D 73 -17.32 -8.96 4.52
N PHE D 74 -16.29 -9.45 5.21
CA PHE D 74 -14.96 -8.89 5.06
C PHE D 74 -13.99 -10.00 5.47
N LEU D 76 -10.03 -11.00 7.18
CA LEU D 76 -8.77 -10.67 7.86
C LEU D 76 -7.83 -11.86 7.79
N THR D 77 -6.56 -11.56 7.51
CA THR D 77 -5.53 -12.58 7.47
C THR D 77 -4.68 -12.49 8.76
N LEU D 78 -4.64 -13.61 9.51
CA LEU D 78 -3.96 -13.64 10.81
C LEU D 78 -2.49 -13.84 10.61
N VAL D 79 -1.68 -12.91 11.10
CA VAL D 79 -0.25 -12.94 10.81
C VAL D 79 0.65 -12.68 12.01
N TYR D 80 1.91 -13.05 11.86
CA TYR D 80 2.98 -12.69 12.82
C TYR D 80 3.26 -11.16 12.68
N PRO D 81 3.74 -10.54 13.77
CA PRO D 81 3.81 -9.07 13.85
C PRO D 81 4.51 -8.37 12.68
N LYS D 82 5.53 -8.99 12.13
CA LYS D 82 6.35 -8.38 11.06
C LYS D 82 5.66 -8.38 9.72
N ASP D 83 4.60 -9.21 9.59
CA ASP D 83 3.92 -9.45 8.32
C ASP D 83 2.62 -8.65 8.11
N VAL D 84 2.30 -7.78 9.07
CA VAL D 84 1.10 -6.99 8.97
CA VAL D 84 1.11 -6.96 8.97
C VAL D 84 1.29 -6.01 7.80
N ASP D 85 0.20 -5.75 7.08
CA ASP D 85 0.13 -4.78 5.97
C ASP D 85 -0.41 -3.46 6.50
N THR D 86 -0.62 -2.49 5.62
CA THR D 86 -1.05 -1.13 5.99
C THR D 86 -2.42 -0.78 5.33
N SER D 87 -3.21 -1.79 4.97
CA SER D 87 -4.46 -1.52 4.26
C SER D 87 -5.74 -2.16 4.81
N GLY D 88 -5.62 -2.64 6.03
CA GLY D 88 -6.78 -3.09 6.79
C GLY D 88 -7.13 -4.56 6.62
N GLU D 89 -6.26 -5.33 5.95
CA GLU D 89 -6.55 -6.71 5.54
CA GLU D 89 -6.61 -6.71 5.58
C GLU D 89 -5.88 -7.75 6.44
N LYS D 90 -4.81 -7.33 7.13
CA LYS D 90 -4.04 -8.26 7.95
C LYS D 90 -4.16 -7.87 9.42
N ILE D 91 -4.07 -8.86 10.28
CA ILE D 91 -4.19 -8.57 11.72
C ILE D 91 -3.16 -9.39 12.50
N SER D 92 -2.43 -8.73 13.40
CA SER D 92 -1.40 -9.41 14.19
C SER D 92 -1.99 -10.37 15.22
N ILE D 93 -1.32 -11.52 15.41
CA ILE D 93 -1.63 -12.45 16.51
C ILE D 93 -1.57 -11.73 17.90
N LEU D 94 -0.78 -10.66 18.00
CA LEU D 94 -0.72 -9.86 19.26
C LEU D 94 -1.80 -8.81 19.41
N ALA D 95 -2.58 -8.58 18.37
CA ALA D 95 -3.53 -7.49 18.36
C ALA D 95 -4.82 -7.87 19.07
N PRO D 96 -5.55 -6.85 19.60
CA PRO D 96 -6.94 -7.14 20.00
C PRO D 96 -7.67 -7.75 18.78
N VAL D 97 -8.49 -8.76 19.07
CA VAL D 97 -9.18 -9.60 18.09
C VAL D 97 -8.26 -10.63 17.49
N GLY D 98 -7.15 -10.19 16.92
CA GLY D 98 -6.16 -11.13 16.32
C GLY D 98 -5.82 -12.25 17.33
N SER D 99 -5.53 -11.88 18.57
CA SER D 99 -5.09 -12.89 19.54
C SER D 99 -6.18 -13.95 19.81
N ALA D 100 -7.43 -13.53 19.70
CA ALA D 100 -8.55 -14.47 19.90
C ALA D 100 -8.93 -15.30 18.65
N LEU D 101 -8.48 -14.88 17.46
CA LEU D 101 -8.87 -15.60 16.23
C LEU D 101 -8.21 -16.98 16.17
N LEU D 102 -7.00 -17.07 16.70
CA LEU D 102 -6.19 -18.31 16.53
C LEU D 102 -6.98 -19.49 17.10
N GLY D 103 -7.11 -20.55 16.31
CA GLY D 103 -7.81 -21.81 16.74
C GLY D 103 -9.34 -21.82 16.75
N LEU D 104 -9.97 -20.66 16.50
CA LEU D 104 -11.40 -20.64 16.17
C LEU D 104 -11.64 -21.44 14.88
N ALA D 105 -12.90 -21.73 14.61
CA ALA D 105 -13.19 -22.46 13.40
C ALA D 105 -14.41 -21.89 12.68
N GLN D 106 -14.54 -22.31 11.43
CA GLN D 106 -15.71 -21.97 10.63
C GLN D 106 -16.96 -22.23 11.45
N GLY D 107 -17.82 -21.21 11.51
CA GLY D 107 -19.10 -21.26 12.21
C GLY D 107 -19.06 -20.53 13.54
N ASP D 108 -17.85 -20.31 14.08
CA ASP D 108 -17.68 -19.60 15.36
C ASP D 108 -18.06 -18.12 15.24
N GLU D 109 -18.56 -17.59 16.35
CA GLU D 109 -18.90 -16.18 16.43
C GLU D 109 -17.88 -15.42 17.23
N ILE D 110 -17.76 -14.14 16.93
CA ILE D 110 -16.85 -13.29 17.64
C ILE D 110 -17.42 -11.89 17.51
N GLU D 111 -17.10 -11.02 18.47
CA GLU D 111 -17.63 -9.67 18.40
C GLU D 111 -16.61 -8.68 18.94
N TRP D 112 -16.72 -7.44 18.50
CA TRP D 112 -15.79 -6.43 18.95
C TRP D 112 -16.41 -5.05 18.77
N PRO D 113 -15.76 -4.01 19.34
CA PRO D 113 -16.41 -2.69 19.29
C PRO D 113 -16.67 -2.15 17.88
N LYS D 114 -17.88 -1.63 17.65
CA LYS D 114 -18.20 -1.00 16.37
C LYS D 114 -17.84 0.52 16.45
N PRO D 115 -17.21 1.08 15.40
CA PRO D 115 -16.91 2.52 15.48
C PRO D 115 -18.19 3.31 15.68
N GLY D 116 -18.16 4.27 16.61
CA GLY D 116 -19.32 5.12 16.85
C GLY D 116 -20.20 4.59 17.97
N GLY D 117 -19.89 3.39 18.48
CA GLY D 117 -20.63 2.78 19.59
C GLY D 117 -21.28 1.44 19.23
N GLY D 118 -21.52 0.60 20.23
CA GLY D 118 -22.14 -0.70 19.97
C GLY D 118 -21.12 -1.78 19.62
N VAL D 119 -21.64 -2.92 19.20
CA VAL D 119 -20.81 -4.14 19.04
C VAL D 119 -21.01 -4.65 17.62
N LEU D 120 -19.91 -4.93 16.94
CA LEU D 120 -19.96 -5.64 15.68
C LEU D 120 -19.98 -7.13 15.96
N ARG D 121 -21.10 -7.80 15.63
CA ARG D 121 -21.20 -9.26 15.85
CA ARG D 121 -21.22 -9.26 15.84
C ARG D 121 -21.03 -9.99 14.53
N VAL D 122 -19.99 -10.84 14.48
CA VAL D 122 -19.70 -11.51 13.23
C VAL D 122 -19.57 -13.04 13.40
N ARG D 123 -19.69 -13.77 12.31
CA ARG D 123 -19.51 -15.22 12.30
C ARG D 123 -18.46 -15.56 11.26
N ILE D 124 -17.58 -16.50 11.58
CA ILE D 124 -16.62 -16.98 10.63
C ILE D 124 -17.32 -17.87 9.59
N VAL D 125 -17.23 -17.47 8.34
CA VAL D 125 -17.89 -18.22 7.26
C VAL D 125 -16.94 -19.09 6.43
N GLU D 126 -15.67 -18.71 6.35
CA GLU D 126 -14.69 -19.52 5.63
C GLU D 126 -13.30 -19.23 6.14
N VAL D 127 -12.45 -20.26 6.11
CA VAL D 127 -11.04 -20.07 6.36
C VAL D 127 -10.28 -20.67 5.19
N THR D 128 -9.27 -19.96 4.68
CA THR D 128 -8.50 -20.39 3.50
C THR D 128 -7.01 -20.03 3.67
N TYR D 129 -6.15 -20.54 2.77
CA TYR D 129 -4.76 -20.08 2.68
C TYR D 129 -4.47 -19.07 1.57
#